data_5A5V
#
_entry.id   5A5V
#
_cell.length_a   61.370
_cell.length_b   66.080
_cell.length_c   68.960
_cell.angle_alpha   90.00
_cell.angle_beta   90.00
_cell.angle_gamma   90.00
#
_symmetry.space_group_name_H-M   'P 21 21 21'
#
loop_
_entity.id
_entity.type
_entity.pdbx_description
1 polymer 'ENTEROCHELIN UPTAKE PERIPLASMIC BINDING PROTEIN'
2 non-polymer 'FE (III) ION'
3 non-polymer "N,N'-hexane-1,4-diylbis(2,3-dihydroxybenzamide)"
4 water water
#
_entity_poly.entity_id   1
_entity_poly.type   'polypeptide(L)'
_entity_poly.pdbx_seq_one_letter_code
;AMLPISMSDEGDSFLVKDSLGENKIPKNPSKVVILDLGILDTFDALKLNDKVVGVPAKNLPKYLQQFKNKPSVGGVQQVD
FEAINALKPDLIIISGRQSKFYDKLKEIAPTLFVGLDNANFLSSFENNVLSVAKLYGLEKEALEKISDIKNEIEKAKSIV
DEDKKALIILTNSNKISAFGPQSRFGIIHDVLGINAVDENIKVGTHGKSINSEFILEKNPDYIFVVDRNVILGNKERAQG
ILDNALVAKTKAAQNKKIIYLDPEYWYLASGNGLESLKTMILEIKNAVK
;
_entity_poly.pdbx_strand_id   A
#
loop_
_chem_comp.id
_chem_comp.type
_chem_comp.name
_chem_comp.formula
FE non-polymer 'FE (III) ION' 'Fe 3'
PXJ non-polymer N,N'-hexane-1,4-diylbis(2,3-dihydroxybenzamide) 'C20 H24 N2 O6'
#
# COMPACT_ATOMS: atom_id res chain seq x y z
N ALA A 1 6.62 1.39 -17.53
CA ALA A 1 7.35 0.85 -16.31
C ALA A 1 8.11 1.98 -15.58
N MET A 2 7.67 2.30 -14.37
CA MET A 2 8.35 3.27 -13.49
C MET A 2 9.84 2.88 -13.38
N LEU A 3 10.74 3.86 -13.44
CA LEU A 3 12.19 3.56 -13.27
C LEU A 3 12.38 2.92 -11.89
N PRO A 4 13.14 1.84 -11.80
CA PRO A 4 13.37 1.26 -10.47
C PRO A 4 14.35 2.10 -9.63
N ILE A 5 14.54 1.67 -8.39
CA ILE A 5 15.58 2.19 -7.56
C ILE A 5 16.87 1.47 -7.91
N SER A 6 17.94 2.20 -8.18
CA SER A 6 19.21 1.59 -8.46
C SER A 6 20.27 2.21 -7.53
N MET A 7 21.26 1.42 -7.13
CA MET A 7 22.20 1.86 -6.12
C MET A 7 23.62 1.40 -6.41
N SER A 8 24.59 2.25 -6.08
CA SER A 8 26.01 1.97 -6.16
C SER A 8 26.63 2.12 -4.79
N ASP A 9 27.42 1.13 -4.42
CA ASP A 9 28.11 1.12 -3.13
C ASP A 9 29.24 2.15 -3.09
N GLU A 10 29.17 3.09 -2.17
CA GLU A 10 30.22 4.12 -2.10
C GLU A 10 31.05 4.06 -0.84
N GLY A 11 31.14 2.89 -0.22
CA GLY A 11 32.01 2.73 0.96
C GLY A 11 31.28 2.98 2.28
N ASP A 12 31.02 4.24 2.55
CA ASP A 12 30.34 4.69 3.78
C ASP A 12 28.86 5.09 3.47
N SER A 13 28.44 4.85 2.23
CA SER A 13 27.17 5.26 1.72
C SER A 13 26.86 4.55 0.41
N PHE A 14 25.67 4.81 -0.12
CA PHE A 14 25.29 4.38 -1.43
C PHE A 14 24.93 5.65 -2.24
N LEU A 15 25.22 5.65 -3.56
CA LEU A 15 24.62 6.66 -4.43
C LEU A 15 23.41 5.98 -5.07
N VAL A 16 22.27 6.63 -4.95
CA VAL A 16 20.96 6.05 -5.16
C VAL A 16 20.11 6.88 -6.12
N LYS A 17 19.66 6.24 -7.21
CA LYS A 17 18.74 6.79 -8.17
C LYS A 17 17.36 6.16 -8.06
N ASP A 18 16.34 7.00 -8.09
CA ASP A 18 14.97 6.50 -8.17
C ASP A 18 14.22 7.35 -9.20
N SER A 19 12.91 7.14 -9.35
CA SER A 19 12.20 7.87 -10.38
C SER A 19 12.12 9.42 -10.19
N LEU A 20 12.35 9.96 -8.98
CA LEU A 20 12.36 11.40 -8.80
C LEU A 20 13.74 12.05 -8.83
N GLY A 21 14.79 11.30 -8.52
CA GLY A 21 16.14 11.83 -8.63
C GLY A 21 17.16 10.93 -7.94
N GLU A 22 18.29 11.54 -7.58
CA GLU A 22 19.44 10.87 -7.10
C GLU A 22 19.84 11.44 -5.72
N ASN A 23 20.41 10.62 -4.83
CA ASN A 23 20.78 11.04 -3.46
C ASN A 23 21.99 10.24 -3.05
N LYS A 24 22.89 10.88 -2.29
CA LYS A 24 23.88 10.16 -1.53
C LYS A 24 23.22 9.84 -0.20
N ILE A 25 23.15 8.55 0.14
CA ILE A 25 22.50 8.12 1.38
C ILE A 25 23.48 7.31 2.26
N PRO A 26 23.65 7.73 3.54
CA PRO A 26 24.62 7.04 4.42
C PRO A 26 24.25 5.55 4.58
N LYS A 27 25.22 4.68 4.80
CA LYS A 27 24.88 3.35 5.24
C LYS A 27 24.34 3.48 6.64
N ASN A 28 23.36 2.66 6.99
CA ASN A 28 22.82 2.69 8.34
C ASN A 28 22.23 4.02 8.78
N PRO A 29 21.34 4.60 7.96
CA PRO A 29 20.81 5.84 8.43
C PRO A 29 20.20 5.61 9.79
N SER A 30 20.52 6.48 10.74
CA SER A 30 20.05 6.30 12.09
C SER A 30 18.88 7.26 12.43
N LYS A 31 18.57 8.21 11.54
CA LYS A 31 17.48 9.17 11.77
C LYS A 31 16.53 9.33 10.56
N VAL A 32 15.69 8.32 10.32
CA VAL A 32 14.88 8.24 9.10
C VAL A 32 13.44 8.69 9.38
N VAL A 33 12.97 9.72 8.66
CA VAL A 33 11.58 10.09 8.68
C VAL A 33 10.90 9.29 7.59
N ILE A 34 9.78 8.68 7.94
CA ILE A 34 9.11 7.75 7.02
C ILE A 34 7.68 8.15 6.73
N LEU A 35 7.39 8.47 5.49
CA LEU A 35 6.05 8.93 5.12
C LEU A 35 5.22 7.86 4.38
N ASP A 36 5.78 6.68 4.20
CA ASP A 36 5.07 5.55 3.61
C ASP A 36 4.86 4.56 4.70
N LEU A 37 3.58 4.24 4.96
CA LEU A 37 3.22 3.34 6.10
C LEU A 37 3.64 1.90 5.87
N GLY A 38 3.61 1.46 4.62
CA GLY A 38 4.19 0.18 4.21
C GLY A 38 5.70 0.03 4.54
N ILE A 39 6.48 1.03 4.18
CA ILE A 39 7.93 1.02 4.51
C ILE A 39 8.14 1.00 6.03
N LEU A 40 7.28 1.71 6.76
CA LEU A 40 7.37 1.69 8.23
C LEU A 40 7.24 0.26 8.71
N ASP A 41 6.33 -0.49 8.11
CA ASP A 41 6.13 -1.88 8.50
C ASP A 41 7.29 -2.76 8.09
N THR A 42 7.93 -2.46 6.95
CA THR A 42 9.18 -3.13 6.62
C THR A 42 10.30 -2.80 7.64
N PHE A 43 10.38 -1.55 8.05
CA PHE A 43 11.34 -1.17 9.08
C PHE A 43 11.06 -1.98 10.35
N ASP A 44 9.80 -2.24 10.64
CA ASP A 44 9.44 -3.00 11.84
C ASP A 44 9.80 -4.47 11.63
N ALA A 45 9.49 -4.99 10.46
CA ALA A 45 9.79 -6.37 10.16
C ALA A 45 11.29 -6.67 10.21
N LEU A 46 12.12 -5.70 9.84
CA LEU A 46 13.56 -5.95 9.87
C LEU A 46 14.23 -5.45 11.15
N LYS A 47 13.41 -5.10 12.18
CA LYS A 47 13.90 -4.72 13.49
C LYS A 47 14.71 -3.45 13.45
N LEU A 48 14.17 -2.44 12.80
CA LEU A 48 14.89 -1.21 12.56
C LEU A 48 14.13 -0.03 13.16
N ASN A 49 13.33 -0.33 14.19
CA ASN A 49 12.43 0.63 14.78
C ASN A 49 13.23 1.77 15.36
N ASP A 50 14.37 1.48 15.95
CA ASP A 50 15.17 2.55 16.56
C ASP A 50 15.80 3.51 15.57
N LYS A 51 15.74 3.22 14.28
CA LYS A 51 16.26 4.09 13.25
C LYS A 51 15.26 5.15 12.81
N VAL A 52 14.02 5.02 13.27
CA VAL A 52 12.90 5.80 12.75
C VAL A 52 12.75 6.94 13.71
N VAL A 53 12.88 8.16 13.24
CA VAL A 53 12.79 9.30 14.14
C VAL A 53 11.51 10.10 14.00
N GLY A 54 10.72 9.90 12.94
CA GLY A 54 9.45 10.61 12.81
C GLY A 54 8.47 9.85 11.92
N VAL A 55 7.21 9.91 12.25
CA VAL A 55 6.14 9.20 11.49
C VAL A 55 4.90 10.10 11.31
N PRO A 56 4.06 9.85 10.28
CA PRO A 56 2.84 10.62 10.08
C PRO A 56 1.74 10.10 11.04
N ALA A 57 1.82 10.55 12.29
CA ALA A 57 0.93 10.05 13.33
C ALA A 57 -0.53 10.43 13.16
N LYS A 58 -0.89 11.45 12.38
CA LYS A 58 -2.31 11.66 12.12
C LYS A 58 -2.90 10.48 11.37
N ASN A 59 -2.11 9.79 10.55
CA ASN A 59 -2.59 8.56 9.87
C ASN A 59 -1.87 7.26 10.30
N LEU A 60 -1.47 7.13 11.55
CA LEU A 60 -0.78 5.89 11.98
C LEU A 60 -1.74 4.72 12.16
N PRO A 61 -1.60 3.63 11.36
CA PRO A 61 -2.52 2.50 11.47
C PRO A 61 -2.51 1.82 12.83
N LYS A 62 -3.67 1.31 13.21
CA LYS A 62 -3.80 0.42 14.35
C LYS A 62 -2.69 -0.67 14.29
N TYR A 63 -2.37 -1.23 13.13
CA TYR A 63 -1.35 -2.27 13.16
C TYR A 63 0.08 -1.78 13.38
N LEU A 64 0.29 -0.46 13.33
CA LEU A 64 1.60 0.14 13.62
C LEU A 64 1.65 1.06 14.87
N GLN A 65 0.79 0.78 15.82
CA GLN A 65 0.74 1.60 17.04
CA GLN A 65 0.71 1.56 17.06
C GLN A 65 1.98 1.48 17.94
N GLN A 66 2.86 0.52 17.71
CA GLN A 66 4.19 0.55 18.40
C GLN A 66 4.98 1.82 18.04
N PHE A 67 4.58 2.53 17.00
CA PHE A 67 5.28 3.74 16.59
C PHE A 67 4.65 4.98 17.15
N LYS A 68 3.63 4.85 18.00
CA LYS A 68 3.05 6.08 18.56
C LYS A 68 4.01 6.73 19.59
N ASN A 69 5.05 5.99 20.03
CA ASN A 69 6.24 6.55 20.68
C ASN A 69 6.89 7.75 19.92
N LYS A 70 6.95 7.66 18.59
CA LYS A 70 7.80 8.54 17.77
C LYS A 70 7.26 9.95 17.56
N PRO A 71 8.15 10.94 17.40
CA PRO A 71 7.63 12.26 17.02
C PRO A 71 6.79 12.20 15.73
N SER A 72 5.85 13.13 15.63
CA SER A 72 4.94 13.17 14.49
C SER A 72 5.40 14.19 13.48
N VAL A 73 5.41 13.78 12.24
CA VAL A 73 5.57 14.69 11.09
C VAL A 73 4.27 14.96 10.32
N GLY A 74 3.13 14.86 10.99
CA GLY A 74 1.86 15.22 10.39
C GLY A 74 1.09 13.99 9.85
N GLY A 75 0.44 14.22 8.73
CA GLY A 75 -0.31 13.21 8.01
C GLY A 75 0.29 12.96 6.65
N VAL A 76 -0.14 11.88 5.99
CA VAL A 76 0.43 11.51 4.71
C VAL A 76 0.04 12.49 3.60
N GLN A 77 -1.09 13.14 3.78
CA GLN A 77 -1.58 14.24 2.92
C GLN A 77 -1.43 15.62 3.58
N GLN A 78 -0.65 15.71 4.64
CA GLN A 78 -0.59 16.94 5.45
C GLN A 78 0.76 16.90 6.17
N VAL A 79 1.81 17.04 5.38
CA VAL A 79 3.15 16.90 5.86
C VAL A 79 3.56 18.10 6.74
N ASP A 80 4.08 17.85 7.93
CA ASP A 80 4.53 18.94 8.76
C ASP A 80 5.97 19.17 8.47
N PHE A 81 6.25 20.15 7.62
CA PHE A 81 7.59 20.35 7.11
C PHE A 81 8.52 20.89 8.17
N GLU A 82 8.01 21.76 9.03
CA GLU A 82 8.81 22.34 10.13
C GLU A 82 9.30 21.26 11.07
N ALA A 83 8.44 20.28 11.38
CA ALA A 83 8.80 19.18 12.29
C ALA A 83 9.82 18.29 11.62
N ILE A 84 9.71 18.16 10.29
CA ILE A 84 10.72 17.37 9.59
C ILE A 84 12.07 18.08 9.70
N ASN A 85 12.16 19.37 9.33
CA ASN A 85 13.40 20.18 9.54
C ASN A 85 13.96 20.04 10.91
N ALA A 86 13.11 20.31 11.89
CA ALA A 86 13.50 20.32 13.30
C ALA A 86 14.07 18.98 13.78
N LEU A 87 13.75 17.87 13.10
CA LEU A 87 14.28 16.55 13.49
C LEU A 87 15.66 16.23 12.90
N LYS A 88 16.08 17.06 11.94
CA LYS A 88 17.35 16.89 11.28
C LYS A 88 17.59 15.44 10.85
N PRO A 89 16.69 14.88 10.05
CA PRO A 89 16.92 13.48 9.64
C PRO A 89 18.11 13.30 8.67
N ASP A 90 18.65 12.08 8.63
CA ASP A 90 19.62 11.77 7.61
C ASP A 90 19.00 11.07 6.41
N LEU A 91 17.69 10.76 6.47
CA LEU A 91 16.99 10.20 5.32
C LEU A 91 15.48 10.44 5.48
N ILE A 92 14.81 10.81 4.40
CA ILE A 92 13.34 10.85 4.37
C ILE A 92 12.89 9.89 3.25
N ILE A 93 11.85 9.09 3.54
CA ILE A 93 11.30 8.07 2.61
C ILE A 93 9.86 8.43 2.28
N ILE A 94 9.60 8.64 1.00
CA ILE A 94 8.30 9.05 0.53
C ILE A 94 7.80 8.10 -0.53
N SER A 95 6.50 8.22 -0.82
CA SER A 95 5.88 7.62 -1.97
C SER A 95 4.95 8.61 -2.63
N GLY A 96 3.98 8.09 -3.38
CA GLY A 96 3.20 8.86 -4.34
C GLY A 96 2.49 10.05 -3.76
N ARG A 97 2.07 9.97 -2.50
CA ARG A 97 1.31 11.03 -1.89
C ARG A 97 2.16 12.27 -1.64
N GLN A 98 3.47 12.11 -1.48
CA GLN A 98 4.36 13.25 -1.29
C GLN A 98 5.23 13.69 -2.50
N SER A 99 5.08 13.02 -3.65
CA SER A 99 5.90 13.36 -4.84
C SER A 99 5.91 14.81 -5.21
N LYS A 100 4.80 15.50 -4.99
CA LYS A 100 4.72 16.87 -5.42
C LYS A 100 5.56 17.78 -4.51
N PHE A 101 5.94 17.30 -3.32
CA PHE A 101 6.75 18.10 -2.39
C PHE A 101 8.20 17.65 -2.34
N TYR A 102 8.61 16.89 -3.36
CA TYR A 102 9.96 16.35 -3.47
C TYR A 102 11.07 17.35 -3.19
N ASP A 103 10.97 18.50 -3.84
CA ASP A 103 12.08 19.43 -3.84
C ASP A 103 12.20 20.04 -2.45
N LYS A 104 11.07 20.41 -1.86
CA LYS A 104 11.06 20.94 -0.50
C LYS A 104 11.73 19.98 0.42
N LEU A 105 11.33 18.71 0.32
CA LEU A 105 11.85 17.65 1.24
C LEU A 105 13.35 17.39 1.08
N LYS A 106 13.79 17.32 -0.18
CA LYS A 106 15.19 17.11 -0.50
C LYS A 106 16.08 18.28 -0.02
N GLU A 107 15.60 19.52 -0.06
CA GLU A 107 16.35 20.61 0.62
C GLU A 107 16.71 20.21 2.07
N ILE A 108 15.90 19.39 2.71
CA ILE A 108 16.06 19.16 4.13
C ILE A 108 16.98 17.98 4.36
N ALA A 109 16.74 16.92 3.61
CA ALA A 109 17.60 15.77 3.74
C ALA A 109 17.41 14.87 2.52
N PRO A 110 18.35 13.95 2.33
CA PRO A 110 18.25 12.99 1.25
C PRO A 110 16.88 12.31 1.25
N THR A 111 16.19 12.35 0.12
CA THR A 111 14.76 11.96 0.05
C THR A 111 14.59 10.83 -0.97
N LEU A 112 14.32 9.63 -0.47
CA LEU A 112 14.16 8.39 -1.27
C LEU A 112 12.68 8.05 -1.66
N PHE A 113 12.40 7.83 -2.95
CA PHE A 113 11.01 7.53 -3.41
C PHE A 113 10.88 6.03 -3.53
N VAL A 114 9.87 5.48 -2.87
CA VAL A 114 9.63 4.06 -2.88
C VAL A 114 8.20 3.74 -3.25
N GLY A 115 7.73 4.41 -4.28
CA GLY A 115 6.36 4.26 -4.74
C GLY A 115 6.22 2.94 -5.42
N LEU A 116 4.99 2.44 -5.49
CA LEU A 116 4.71 1.15 -6.21
C LEU A 116 4.30 1.44 -7.64
N ASP A 117 4.66 0.53 -8.54
CA ASP A 117 4.28 0.65 -9.92
C ASP A 117 3.01 -0.19 -10.06
N ASN A 118 1.91 0.45 -10.39
CA ASN A 118 0.64 -0.21 -10.53
C ASN A 118 0.64 -1.25 -11.61
N ALA A 119 1.47 -1.03 -12.65
CA ALA A 119 1.61 -1.98 -13.74
C ALA A 119 2.65 -3.09 -13.46
N ASN A 120 3.40 -3.01 -12.37
CA ASN A 120 4.43 -4.02 -12.05
C ASN A 120 4.60 -4.09 -10.55
N PHE A 121 3.51 -4.48 -9.86
CA PHE A 121 3.46 -4.42 -8.40
C PHE A 121 4.60 -5.19 -7.75
N LEU A 122 4.79 -6.41 -8.21
CA LEU A 122 5.70 -7.30 -7.51
C LEU A 122 7.11 -6.93 -7.69
N SER A 123 7.51 -6.59 -8.90
CA SER A 123 8.91 -6.25 -9.10
C SER A 123 9.18 -4.92 -8.38
N SER A 124 8.28 -3.93 -8.45
CA SER A 124 8.48 -2.68 -7.70
C SER A 124 8.48 -2.91 -6.19
N PHE A 125 7.61 -3.79 -5.72
CA PHE A 125 7.61 -4.14 -4.29
C PHE A 125 8.95 -4.75 -3.78
N GLU A 126 9.51 -5.67 -4.55
CA GLU A 126 10.73 -6.34 -4.17
C GLU A 126 11.89 -5.36 -4.23
N ASN A 127 11.88 -4.52 -5.26
CA ASN A 127 12.88 -3.48 -5.43
C ASN A 127 12.87 -2.48 -4.25
N ASN A 128 11.68 -2.11 -3.78
CA ASN A 128 11.60 -1.17 -2.63
C ASN A 128 12.18 -1.80 -1.34
N VAL A 129 11.73 -3.02 -1.08
CA VAL A 129 12.11 -3.72 0.13
C VAL A 129 13.65 -3.94 0.12
N LEU A 130 14.17 -4.42 -1.00
CA LEU A 130 15.59 -4.72 -1.08
C LEU A 130 16.46 -3.48 -1.02
N SER A 131 15.98 -2.39 -1.60
CA SER A 131 16.74 -1.16 -1.60
C SER A 131 16.87 -0.65 -0.21
N VAL A 132 15.79 -0.72 0.55
CA VAL A 132 15.80 -0.35 1.94
C VAL A 132 16.70 -1.30 2.69
N ALA A 133 16.55 -2.61 2.46
CA ALA A 133 17.31 -3.59 3.25
C ALA A 133 18.80 -3.41 3.04
N LYS A 134 19.17 -3.07 1.79
CA LYS A 134 20.56 -2.89 1.41
C LYS A 134 21.24 -1.73 2.14
N LEU A 135 20.52 -0.65 2.42
CA LEU A 135 21.09 0.41 3.25
C LEU A 135 21.61 -0.11 4.59
N TYR A 136 21.00 -1.18 5.09
CA TYR A 136 21.36 -1.75 6.41
C TYR A 136 22.08 -3.09 6.37
N GLY A 137 22.44 -3.61 5.20
CA GLY A 137 23.12 -4.88 5.14
C GLY A 137 22.22 -6.08 5.40
N LEU A 138 20.91 -5.90 5.25
CA LEU A 138 19.93 -6.91 5.64
C LEU A 138 19.25 -7.59 4.41
N GLU A 139 19.91 -7.65 3.27
CA GLU A 139 19.30 -8.20 2.06
C GLU A 139 18.93 -9.66 2.26
N LYS A 140 19.76 -10.38 3.02
CA LYS A 140 19.58 -11.84 3.23
C LYS A 140 18.22 -12.12 3.93
N GLU A 141 18.02 -11.44 5.05
CA GLU A 141 16.79 -11.49 5.86
C GLU A 141 15.58 -11.09 4.99
N ALA A 142 15.71 -9.98 4.29
CA ALA A 142 14.63 -9.45 3.44
C ALA A 142 14.18 -10.42 2.35
N LEU A 143 15.14 -11.08 1.71
CA LEU A 143 14.84 -12.00 0.62
C LEU A 143 14.10 -13.23 1.13
N GLU A 144 14.50 -13.70 2.30
CA GLU A 144 13.77 -14.76 3.00
C GLU A 144 12.31 -14.34 3.26
N LYS A 145 12.12 -13.12 3.75
CA LYS A 145 10.75 -12.62 3.99
C LYS A 145 9.96 -12.55 2.69
N ILE A 146 10.56 -11.98 1.66
CA ILE A 146 9.97 -11.96 0.33
C ILE A 146 9.63 -13.35 -0.22
N SER A 147 10.53 -14.32 -0.01
CA SER A 147 10.29 -15.67 -0.48
C SER A 147 9.06 -16.29 0.22
N ASP A 148 8.89 -16.03 1.50
CA ASP A 148 7.70 -16.45 2.25
C ASP A 148 6.43 -15.83 1.63
N ILE A 149 6.50 -14.54 1.34
CA ILE A 149 5.39 -13.87 0.69
C ILE A 149 5.05 -14.53 -0.66
N LYS A 150 6.06 -14.91 -1.42
CA LYS A 150 5.80 -15.60 -2.68
C LYS A 150 5.21 -16.99 -2.57
N ASN A 151 5.44 -17.71 -1.45
CA ASN A 151 4.80 -19.01 -1.23
C ASN A 151 3.32 -18.81 -1.00
N GLU A 152 2.99 -17.73 -0.30
CA GLU A 152 1.62 -17.36 -0.08
C GLU A 152 0.97 -17.01 -1.39
N ILE A 153 1.67 -16.24 -2.22
CA ILE A 153 1.08 -15.90 -3.51
C ILE A 153 0.80 -17.15 -4.31
N GLU A 154 1.76 -18.06 -4.38
CA GLU A 154 1.57 -19.31 -5.16
C GLU A 154 0.45 -20.17 -4.60
N LYS A 155 0.37 -20.32 -3.29
CA LYS A 155 -0.74 -21.03 -2.69
C LYS A 155 -2.02 -20.37 -3.11
N ALA A 156 -2.21 -19.13 -2.66
CA ALA A 156 -3.41 -18.34 -3.01
C ALA A 156 -3.82 -18.48 -4.49
N LYS A 157 -2.84 -18.40 -5.39
CA LYS A 157 -3.07 -18.57 -6.85
C LYS A 157 -3.74 -19.93 -7.15
N SER A 158 -3.34 -20.97 -6.43
CA SER A 158 -3.87 -22.34 -6.62
C SER A 158 -5.33 -22.57 -6.23
N ILE A 159 -5.75 -22.02 -5.10
CA ILE A 159 -7.13 -22.19 -4.63
C ILE A 159 -8.09 -21.22 -5.35
N VAL A 160 -7.77 -20.79 -6.58
CA VAL A 160 -8.53 -19.73 -7.25
C VAL A 160 -9.53 -20.31 -8.22
N ASP A 161 -10.76 -19.82 -8.14
CA ASP A 161 -11.80 -20.30 -9.02
C ASP A 161 -11.75 -19.54 -10.33
N GLU A 162 -11.46 -20.27 -11.40
CA GLU A 162 -11.33 -19.77 -12.77
CA GLU A 162 -11.30 -19.57 -12.68
C GLU A 162 -12.64 -19.21 -13.31
N ASP A 163 -13.76 -19.54 -12.67
CA ASP A 163 -15.05 -19.14 -13.17
C ASP A 163 -15.77 -18.05 -12.36
N LYS A 164 -15.10 -17.43 -11.40
CA LYS A 164 -15.76 -16.41 -10.59
C LYS A 164 -15.08 -15.05 -10.80
N LYS A 165 -15.82 -13.96 -10.76
CA LYS A 165 -15.30 -12.59 -11.06
C LYS A 165 -15.48 -11.68 -9.86
N ALA A 166 -14.51 -10.82 -9.61
CA ALA A 166 -14.60 -9.81 -8.55
C ALA A 166 -14.72 -8.37 -9.05
N LEU A 167 -15.35 -7.53 -8.23
CA LEU A 167 -15.32 -6.07 -8.34
C LEU A 167 -14.64 -5.49 -7.14
N ILE A 168 -13.69 -4.59 -7.36
CA ILE A 168 -13.09 -3.87 -6.25
C ILE A 168 -13.70 -2.49 -6.15
N ILE A 169 -14.17 -2.11 -4.98
CA ILE A 169 -14.73 -0.79 -4.79
C ILE A 169 -14.21 -0.13 -3.52
N LEU A 170 -14.26 1.20 -3.56
CA LEU A 170 -13.87 2.06 -2.47
C LEU A 170 -15.03 2.99 -2.12
N THR A 171 -15.33 3.12 -0.84
CA THR A 171 -16.41 3.96 -0.39
C THR A 171 -15.91 5.13 0.43
N ASN A 172 -16.64 6.23 0.32
CA ASN A 172 -16.19 7.47 0.79
C ASN A 172 -17.39 8.40 0.88
N SER A 173 -17.74 8.81 2.10
CA SER A 173 -18.95 9.64 2.37
C SER A 173 -20.19 8.84 2.02
N ASN A 174 -20.74 9.04 0.85
CA ASN A 174 -21.84 8.23 0.36
CA ASN A 174 -21.78 8.13 0.38
C ASN A 174 -21.61 7.92 -1.11
N LYS A 175 -20.33 7.82 -1.50
CA LYS A 175 -19.90 7.72 -2.89
C LYS A 175 -19.07 6.46 -3.07
N ILE A 176 -19.42 5.68 -4.10
CA ILE A 176 -18.70 4.47 -4.44
C ILE A 176 -17.86 4.72 -5.69
N SER A 177 -16.62 4.24 -5.71
CA SER A 177 -15.89 4.11 -6.97
C SER A 177 -15.14 2.79 -7.19
N ALA A 178 -14.87 2.55 -8.46
CA ALA A 178 -14.45 1.24 -8.96
C ALA A 178 -13.00 1.24 -9.30
N PHE A 179 -12.36 0.10 -9.03
CA PHE A 179 -10.95 -0.14 -9.37
C PHE A 179 -10.88 -1.51 -10.02
N GLY A 180 -9.97 -1.67 -10.96
CA GLY A 180 -9.80 -2.94 -11.70
C GLY A 180 -8.31 -3.25 -11.80
N PRO A 181 -7.94 -4.19 -12.69
CA PRO A 181 -6.52 -4.46 -12.94
C PRO A 181 -5.68 -3.21 -13.17
N GLN A 182 -4.41 -3.31 -12.79
CA GLN A 182 -3.44 -2.23 -13.01
C GLN A 182 -3.68 -1.02 -12.12
N SER A 183 -4.55 -1.17 -11.12
CA SER A 183 -4.91 -0.08 -10.20
C SER A 183 -4.19 -0.26 -8.87
N ARG A 184 -4.42 0.66 -7.94
CA ARG A 184 -3.71 0.65 -6.68
C ARG A 184 -4.07 -0.55 -5.82
N PHE A 185 -5.15 -1.24 -6.15
CA PHE A 185 -5.57 -2.50 -5.50
C PHE A 185 -5.47 -3.70 -6.43
N GLY A 186 -4.72 -3.57 -7.52
CA GLY A 186 -4.78 -4.53 -8.60
C GLY A 186 -4.19 -5.90 -8.26
N ILE A 187 -3.38 -5.98 -7.21
CA ILE A 187 -2.84 -7.24 -6.75
C ILE A 187 -3.88 -8.38 -6.70
N ILE A 188 -5.12 -8.02 -6.38
CA ILE A 188 -6.25 -8.97 -6.34
C ILE A 188 -6.45 -9.67 -7.68
N HIS A 189 -6.38 -8.90 -8.78
CA HIS A 189 -6.45 -9.47 -10.14
C HIS A 189 -5.10 -9.83 -10.75
N ASP A 190 -4.11 -8.96 -10.58
CA ASP A 190 -2.86 -9.02 -11.38
C ASP A 190 -1.86 -10.03 -10.82
N VAL A 191 -1.99 -10.32 -9.53
CA VAL A 191 -1.02 -11.12 -8.79
C VAL A 191 -1.65 -12.35 -8.20
N LEU A 192 -2.85 -12.21 -7.64
CA LEU A 192 -3.52 -13.33 -7.03
C LEU A 192 -4.48 -14.05 -7.98
N GLY A 193 -4.59 -13.60 -9.22
CA GLY A 193 -5.30 -14.34 -10.26
C GLY A 193 -6.82 -14.27 -10.25
N ILE A 194 -7.44 -13.46 -9.36
CA ILE A 194 -8.89 -13.38 -9.32
C ILE A 194 -9.36 -12.58 -10.51
N ASN A 195 -10.30 -13.13 -11.24
CA ASN A 195 -10.76 -12.47 -12.45
C ASN A 195 -11.57 -11.24 -12.20
N ALA A 196 -11.59 -10.37 -13.18
CA ALA A 196 -12.24 -9.09 -13.04
C ALA A 196 -13.63 -9.16 -13.71
N VAL A 197 -14.66 -8.67 -13.00
CA VAL A 197 -15.98 -8.57 -13.58
C VAL A 197 -15.95 -7.54 -14.70
N ASP A 198 -15.11 -6.54 -14.59
CA ASP A 198 -15.00 -5.56 -15.64
C ASP A 198 -13.57 -5.19 -15.89
N GLU A 199 -13.14 -5.52 -17.11
CA GLU A 199 -11.77 -5.36 -17.48
C GLU A 199 -11.42 -3.93 -17.87
N ASN A 200 -12.44 -3.13 -18.16
CA ASN A 200 -12.23 -1.78 -18.70
C ASN A 200 -12.52 -0.67 -17.72
N ILE A 201 -12.21 -0.91 -16.46
CA ILE A 201 -12.35 0.20 -15.50
C ILE A 201 -11.08 1.03 -15.69
N LYS A 202 -11.25 2.30 -16.05
CA LYS A 202 -10.14 3.22 -16.21
C LYS A 202 -9.42 3.42 -14.87
N VAL A 203 -8.12 3.28 -14.85
CA VAL A 203 -7.39 3.40 -13.62
C VAL A 203 -7.33 4.89 -13.27
N GLY A 204 -7.60 5.21 -12.01
CA GLY A 204 -7.44 6.53 -11.46
C GLY A 204 -7.11 6.39 -9.97
N THR A 205 -6.39 7.36 -9.43
CA THR A 205 -5.90 7.30 -8.06
C THR A 205 -6.98 7.02 -7.06
N HIS A 206 -8.08 7.75 -7.11
CA HIS A 206 -9.24 7.43 -6.22
C HIS A 206 -10.46 6.83 -6.94
N GLY A 207 -10.21 6.23 -8.10
CA GLY A 207 -11.17 5.32 -8.71
C GLY A 207 -12.16 6.03 -9.57
N LYS A 208 -13.01 5.27 -10.25
CA LYS A 208 -14.04 5.86 -11.14
C LYS A 208 -15.40 5.64 -10.52
N SER A 209 -16.17 6.71 -10.59
CA SER A 209 -17.44 6.86 -9.95
C SER A 209 -18.46 5.85 -10.46
N ILE A 210 -19.10 5.10 -9.56
CA ILE A 210 -20.21 4.21 -9.90
C ILE A 210 -21.29 4.26 -8.85
N ASN A 211 -22.33 3.45 -9.07
CA ASN A 211 -23.38 3.29 -8.10
C ASN A 211 -23.81 1.86 -8.06
N SER A 212 -24.82 1.61 -7.25
CA SER A 212 -25.27 0.28 -6.96
C SER A 212 -25.95 -0.36 -8.15
N GLU A 213 -26.60 0.44 -8.99
CA GLU A 213 -27.13 -0.06 -10.26
C GLU A 213 -26.02 -0.77 -11.08
N PHE A 214 -24.84 -0.16 -11.16
CA PHE A 214 -23.67 -0.75 -11.85
C PHE A 214 -23.26 -2.07 -11.19
N ILE A 215 -23.23 -2.09 -9.87
CA ILE A 215 -22.77 -3.26 -9.15
C ILE A 215 -23.65 -4.46 -9.49
N LEU A 216 -24.96 -4.26 -9.43
CA LEU A 216 -25.93 -5.29 -9.79
C LEU A 216 -25.89 -5.66 -11.29
N GLU A 217 -25.74 -4.68 -12.18
CA GLU A 217 -25.62 -4.99 -13.62
C GLU A 217 -24.40 -5.88 -13.89
N LYS A 218 -23.27 -5.61 -13.24
CA LYS A 218 -22.09 -6.49 -13.38
C LYS A 218 -22.29 -7.83 -12.69
N ASN A 219 -22.98 -7.82 -11.56
CA ASN A 219 -23.27 -9.01 -10.79
C ASN A 219 -22.06 -9.88 -10.47
N PRO A 220 -21.07 -9.27 -9.80
CA PRO A 220 -19.87 -10.00 -9.43
C PRO A 220 -20.09 -11.09 -8.40
N ASP A 221 -19.20 -12.08 -8.44
CA ASP A 221 -19.23 -13.17 -7.48
C ASP A 221 -18.61 -12.77 -6.15
N TYR A 222 -17.70 -11.82 -6.19
CA TYR A 222 -17.12 -11.21 -4.99
C TYR A 222 -17.11 -9.71 -5.14
N ILE A 223 -17.33 -9.02 -4.02
CA ILE A 223 -17.08 -7.60 -3.99
C ILE A 223 -16.09 -7.34 -2.87
N PHE A 224 -14.98 -6.72 -3.23
CA PHE A 224 -13.93 -6.37 -2.30
C PHE A 224 -14.09 -4.91 -2.06
N VAL A 225 -14.33 -4.55 -0.79
CA VAL A 225 -14.67 -3.20 -0.41
C VAL A 225 -13.55 -2.63 0.44
N VAL A 226 -13.13 -1.42 0.09
CA VAL A 226 -12.07 -0.69 0.81
C VAL A 226 -12.72 0.59 1.34
N ASP A 227 -12.91 0.70 2.66
CA ASP A 227 -13.67 1.81 3.21
C ASP A 227 -12.83 3.00 3.61
N ARG A 228 -12.75 3.98 2.70
CA ARG A 228 -11.92 5.13 2.87
C ARG A 228 -12.43 6.02 4.03
N ASN A 229 -13.72 5.96 4.31
CA ASN A 229 -14.24 6.63 5.49
C ASN A 229 -13.36 6.41 6.71
N VAL A 230 -12.95 5.15 6.92
CA VAL A 230 -12.26 4.78 8.12
C VAL A 230 -10.97 5.59 8.20
N ILE A 231 -10.30 5.72 7.08
CA ILE A 231 -9.08 6.46 7.00
C ILE A 231 -9.32 7.95 7.23
N LEU A 232 -10.44 8.49 6.77
CA LEU A 232 -10.63 9.92 6.85
C LEU A 232 -11.21 10.34 8.19
N GLY A 233 -11.64 9.38 9.00
CA GLY A 233 -12.32 9.67 10.28
C GLY A 233 -13.78 10.10 10.12
N ASN A 234 -14.47 9.62 9.09
CA ASN A 234 -15.83 10.10 8.80
C ASN A 234 -16.88 9.61 9.79
N GLU A 236 -19.57 8.01 9.16
CA GLU A 236 -20.26 7.00 8.34
C GLU A 236 -19.36 5.92 7.75
N ARG A 237 -19.98 4.82 7.29
CA ARG A 237 -19.26 3.58 6.92
C ARG A 237 -19.76 2.89 5.66
N ALA A 238 -18.88 2.09 5.05
CA ALA A 238 -19.20 1.35 3.83
C ALA A 238 -20.50 0.52 3.90
N GLN A 239 -20.67 -0.18 5.02
CA GLN A 239 -21.90 -0.98 5.33
C GLN A 239 -23.19 -0.17 5.10
N GLY A 240 -23.15 1.13 5.40
CA GLY A 240 -24.27 2.01 5.09
C GLY A 240 -24.61 2.01 3.63
N ILE A 241 -23.66 2.46 2.81
CA ILE A 241 -23.97 2.80 1.43
C ILE A 241 -24.21 1.51 0.63
N LEU A 242 -23.67 0.39 1.10
CA LEU A 242 -23.88 -0.90 0.44
C LEU A 242 -25.02 -1.76 0.99
N ASP A 243 -25.71 -1.24 1.99
CA ASP A 243 -26.91 -1.86 2.53
C ASP A 243 -28.05 -1.35 1.67
N ASN A 244 -28.28 -2.02 0.58
CA ASN A 244 -29.40 -1.67 -0.24
C ASN A 244 -29.82 -2.89 -0.94
N ALA A 245 -31.03 -2.79 -1.50
CA ALA A 245 -31.73 -3.90 -2.10
C ALA A 245 -31.00 -4.45 -3.31
N LEU A 246 -30.16 -3.62 -3.97
CA LEU A 246 -29.58 -4.02 -5.24
C LEU A 246 -28.38 -4.89 -5.00
N VAL A 247 -27.59 -4.49 -4.02
CA VAL A 247 -26.34 -5.17 -3.70
C VAL A 247 -26.73 -6.53 -3.14
N ALA A 248 -27.82 -6.53 -2.38
CA ALA A 248 -28.34 -7.73 -1.75
C ALA A 248 -28.75 -8.82 -2.75
N LYS A 249 -29.06 -8.44 -3.99
CA LYS A 249 -29.37 -9.36 -5.07
C LYS A 249 -28.15 -9.93 -5.80
N THR A 250 -26.97 -9.39 -5.59
CA THR A 250 -25.82 -9.88 -6.36
C THR A 250 -25.44 -11.27 -5.91
N LYS A 251 -24.71 -11.96 -6.76
CA LYS A 251 -24.07 -13.22 -6.40
C LYS A 251 -23.15 -13.11 -5.19
N ALA A 252 -22.44 -11.99 -5.11
CA ALA A 252 -21.55 -11.76 -3.98
C ALA A 252 -22.33 -11.73 -2.65
N ALA A 253 -23.44 -10.99 -2.54
CA ALA A 253 -24.27 -11.02 -1.31
C ALA A 253 -24.78 -12.43 -1.03
N GLN A 254 -25.44 -13.01 -2.03
CA GLN A 254 -25.93 -14.37 -1.92
C GLN A 254 -24.95 -15.36 -1.32
N ASN A 255 -23.70 -15.27 -1.70
CA ASN A 255 -22.73 -16.26 -1.25
C ASN A 255 -21.81 -15.74 -0.18
N LYS A 256 -22.25 -14.67 0.50
CA LYS A 256 -21.52 -14.10 1.61
C LYS A 256 -20.08 -13.71 1.20
N LYS A 257 -19.95 -13.11 0.02
CA LYS A 257 -18.66 -12.65 -0.50
C LYS A 257 -18.58 -11.13 -0.71
N ILE A 258 -19.23 -10.38 0.18
CA ILE A 258 -18.97 -8.96 0.24
C ILE A 258 -17.90 -8.80 1.35
N ILE A 259 -16.67 -8.57 0.92
CA ILE A 259 -15.52 -8.65 1.82
C ILE A 259 -15.07 -7.24 2.08
N TYR A 260 -15.15 -6.82 3.34
CA TYR A 260 -14.58 -5.56 3.76
C TYR A 260 -13.08 -5.72 4.03
N LEU A 261 -12.27 -5.23 3.11
CA LEU A 261 -10.81 -5.22 3.34
C LEU A 261 -10.39 -4.10 4.30
N ASP A 262 -9.38 -4.41 5.10
CA ASP A 262 -8.90 -3.48 6.09
C ASP A 262 -8.21 -2.33 5.38
N PRO A 263 -8.82 -1.17 5.40
CA PRO A 263 -8.31 -0.03 4.63
C PRO A 263 -6.93 0.50 5.09
N GLU A 264 -6.60 0.38 6.39
CA GLU A 264 -5.26 0.74 6.82
C GLU A 264 -4.23 0.01 6.03
N TYR A 265 -4.49 -1.25 5.72
CA TYR A 265 -3.52 -1.99 4.90
C TYR A 265 -3.66 -1.63 3.42
N TRP A 266 -4.89 -1.62 2.93
CA TRP A 266 -5.12 -1.61 1.49
C TRP A 266 -5.02 -0.21 0.90
N TYR A 267 -5.53 0.78 1.63
CA TYR A 267 -5.55 2.17 1.14
C TYR A 267 -4.31 2.97 1.57
N LEU A 268 -3.97 2.87 2.84
CA LEU A 268 -2.87 3.64 3.44
C LEU A 268 -1.51 3.01 3.12
N ALA A 269 -1.31 1.78 3.58
CA ALA A 269 -0.04 1.08 3.31
C ALA A 269 0.12 0.67 1.87
N SER A 270 -0.99 0.43 1.18
CA SER A 270 -0.97 0.00 -0.24
C SER A 270 -0.18 -1.27 -0.52
N GLY A 271 0.00 -2.11 0.50
CA GLY A 271 0.81 -3.32 0.40
C GLY A 271 2.27 -3.07 0.14
N ASN A 272 2.77 -1.89 0.50
CA ASN A 272 4.17 -1.55 0.25
C ASN A 272 5.09 -1.89 1.42
N GLY A 273 4.78 -2.97 2.12
CA GLY A 273 5.60 -3.42 3.27
C GLY A 273 5.57 -4.94 3.43
N LEU A 274 6.59 -5.46 4.10
CA LEU A 274 6.75 -6.88 4.30
C LEU A 274 5.60 -7.42 5.10
N GLU A 275 5.16 -6.65 6.09
CA GLU A 275 4.07 -7.06 6.98
C GLU A 275 2.71 -6.88 6.27
N SER A 276 2.48 -5.72 5.68
CA SER A 276 1.16 -5.44 5.15
C SER A 276 0.88 -6.41 4.02
N LEU A 277 1.86 -6.60 3.16
CA LEU A 277 1.61 -7.40 1.96
C LEU A 277 1.28 -8.83 2.34
N LYS A 278 2.06 -9.42 3.25
CA LYS A 278 1.74 -10.78 3.72
C LYS A 278 0.32 -10.88 4.30
N THR A 279 -0.04 -9.94 5.17
CA THR A 279 -1.35 -9.93 5.79
C THR A 279 -2.46 -9.80 4.77
N MET A 280 -2.18 -9.03 3.72
CA MET A 280 -3.15 -8.78 2.66
C MET A 280 -3.38 -10.04 1.81
N ILE A 281 -2.29 -10.79 1.52
CA ILE A 281 -2.40 -12.08 0.80
C ILE A 281 -3.28 -13.01 1.60
N LEU A 282 -2.98 -13.14 2.90
CA LEU A 282 -3.78 -14.01 3.75
C LEU A 282 -5.22 -13.57 3.79
N GLU A 283 -5.47 -12.25 3.93
CA GLU A 283 -6.84 -11.76 4.00
C GLU A 283 -7.65 -12.23 2.78
N ILE A 284 -7.15 -11.97 1.59
CA ILE A 284 -7.82 -12.43 0.38
C ILE A 284 -7.97 -13.95 0.44
N LYS A 285 -6.89 -14.67 0.73
CA LYS A 285 -6.97 -16.14 0.76
C LYS A 285 -8.08 -16.62 1.71
N ASN A 286 -8.11 -16.12 2.92
CA ASN A 286 -9.16 -16.49 3.85
C ASN A 286 -10.56 -16.07 3.43
N ALA A 287 -10.69 -14.95 2.75
CA ALA A 287 -11.99 -14.50 2.28
C ALA A 287 -12.47 -15.28 1.05
N VAL A 288 -11.60 -15.97 0.31
CA VAL A 288 -12.13 -16.65 -0.90
C VAL A 288 -12.21 -18.17 -0.88
N LYS A 289 -11.76 -18.82 0.18
CA LYS A 289 -11.71 -20.28 0.16
C LYS A 289 -13.01 -20.83 0.74
FE FE B . -5.79 9.36 -1.19
C1 PXJ C . -4.83 9.50 2.86
C2 PXJ C . -5.23 9.78 1.55
C3 PXJ C . -6.03 10.85 1.32
C4 PXJ C . -6.44 11.70 2.36
C5 PXJ C . -6.00 11.45 3.67
C6 PXJ C . -5.20 10.33 3.92
C8 PXJ C . -7.24 12.94 2.07
O9 PXJ C . -7.66 13.67 2.95
N10 PXJ C . -7.38 13.26 0.78
C11 PXJ C . -8.18 14.37 0.36
C12 PXJ C . -7.84 14.99 -0.98
C13 PXJ C . -6.73 14.29 -1.72
C14 PXJ C . -5.74 15.22 -2.40
C15 PXJ C . -4.37 15.00 -1.82
C16 PXJ C . -3.38 14.53 -2.85
N17 PXJ C . -3.34 13.08 -2.81
C18 PXJ C . -2.48 12.36 -3.52
O19 PXJ C . -1.68 12.92 -4.25
C20 PXJ C . -2.51 10.84 -3.47
C21 PXJ C . -3.52 10.14 -2.78
C22 PXJ C . -3.53 8.75 -2.77
C23 PXJ C . -2.53 8.05 -3.45
C24 PXJ C . -1.52 8.74 -4.14
C25 PXJ C . -1.52 10.13 -4.14
O26 PXJ C . -6.40 11.01 0.02
O27 PXJ C . -4.88 9.02 0.48
O28 PXJ C . -4.53 10.74 -2.12
O29 PXJ C . -4.53 8.09 -2.11
#